data_9ICV
#
_entry.id   9ICV
#
_cell.length_a   179.972
_cell.length_b   57.628
_cell.length_c   48.334
_cell.angle_alpha   90.00
_cell.angle_beta   90.00
_cell.angle_gamma   90.00
#
_symmetry.space_group_name_H-M   'P 21 21 2'
#
loop_
_entity.id
_entity.type
_entity.pdbx_description
1 polymer "DNA (5'-D(*CP*AP*TP*TP*AP*GP*AP*A)-3')"
2 polymer "DNA (5'-D(*TP*CP*TP*AP*AP*TP*GP*A)-3')"
3 polymer 'PROTEIN (DNA POLYMERASE BETA (E.C.2.7.7.7))'
4 non-polymer 'ZINC ION'
5 non-polymer 'SODIUM ION'
6 non-polymer "2'-DEOXYADENOSINE 5'-TRIPHOSPHATE"
7 water water
#
loop_
_entity_poly.entity_id
_entity_poly.type
_entity_poly.pdbx_seq_one_letter_code
_entity_poly.pdbx_strand_id
1 'polydeoxyribonucleotide' (DC)(DA)(DT)(DT)(DA)(DG)(DA)(DA) T
2 'polydeoxyribonucleotide' (DT)(DC)(DT)(DA)(DA)(DT)(DG)(DA) P
3 'polypeptide(L)'
;MSKRKAPQETLNGGITDMLTELANFEKNVSQAIHKYNAYRKAASVIAKYPHKIKSGAEAKKLPGVGTKIAEKIDEFLATG
KLRKLEKIRQDDTSSSINFLTRVSGIGPSAARKFVDEGIKTLEDLRKNEDKLNHHQRIGLKYFGDFEKRIPREEMLQMQD
IVLNEVKKVDSEYIATVCGSFRRGAESSGDMDVLLTHPSFTSESTKQPKLLHQVVEQLQKVHFITDTLSKGETKFMGVCQ
LPSKNDEKEYPHRRIDIRLIPKDQYYCGVLYFTGSDIFNKNMRAHALEKGFTINEYTIRPLGVTGVAGEPLPVDSEKDIF
DYIQWKYREPKDRSE
;
A
#
loop_
_chem_comp.id
_chem_comp.type
_chem_comp.name
_chem_comp.formula
DA DNA linking 2'-DEOXYADENOSINE-5'-MONOPHOSPHATE 'C10 H14 N5 O6 P'
DC DNA linking 2'-DEOXYCYTIDINE-5'-MONOPHOSPHATE 'C9 H14 N3 O7 P'
DG DNA linking 2'-DEOXYGUANOSINE-5'-MONOPHOSPHATE 'C10 H14 N5 O7 P'
DT DNA linking THYMIDINE-5'-MONOPHOSPHATE 'C10 H15 N2 O8 P'
DTP non-polymer '2'-DEOXYADENOSINE 5'-TRIPHOSPHATE' 'C10 H16 N5 O12 P3'
NA non-polymer 'SODIUM ION' 'Na 1'
ZN non-polymer 'ZINC ION' 'Zn 2'
#
# COMPACT_ATOMS: atom_id res chain seq x y z
N GLU C 9 11.15 17.09 -11.38
CA GLU C 9 10.58 17.12 -10.05
C GLU C 9 9.65 18.30 -9.83
N THR C 10 9.80 19.30 -10.68
CA THR C 10 9.00 20.51 -10.65
C THR C 10 9.22 21.18 -11.99
N LEU C 11 10.21 20.62 -12.71
CA LEU C 11 10.46 21.20 -13.98
C LEU C 11 9.54 20.58 -14.98
N ASN C 12 9.25 19.28 -14.78
CA ASN C 12 8.35 18.62 -15.71
C ASN C 12 6.96 18.30 -15.17
N GLY C 13 6.73 18.84 -13.96
CA GLY C 13 5.53 18.75 -13.12
C GLY C 13 4.19 18.58 -13.79
N GLY C 14 3.60 19.65 -14.34
CA GLY C 14 2.29 19.57 -15.02
C GLY C 14 2.30 18.50 -16.10
N ILE C 15 3.41 18.43 -16.86
CA ILE C 15 3.55 17.48 -17.94
C ILE C 15 3.36 16.12 -17.43
N THR C 16 4.07 15.82 -16.41
CA THR C 16 3.92 14.51 -15.86
C THR C 16 2.63 14.39 -15.12
N ASP C 17 2.08 15.49 -14.71
CA ASP C 17 0.85 15.29 -14.00
C ASP C 17 -0.34 15.09 -14.91
N MET C 18 -0.30 15.81 -16.00
CA MET C 18 -1.35 15.71 -16.96
C MET C 18 -1.36 14.29 -17.46
N LEU C 19 -0.15 13.80 -17.81
CA LEU C 19 0.09 12.43 -18.32
C LEU C 19 -0.44 11.34 -17.41
N THR C 20 -0.28 11.56 -16.11
CA THR C 20 -0.74 10.60 -15.15
C THR C 20 -2.25 10.61 -15.16
N GLU C 21 -2.86 11.79 -15.15
CA GLU C 21 -4.33 11.92 -15.18
C GLU C 21 -4.87 11.11 -16.36
N LEU C 22 -4.27 11.35 -17.51
CA LEU C 22 -4.61 10.68 -18.76
C LEU C 22 -4.48 9.16 -18.62
N ALA C 23 -3.33 8.75 -18.08
CA ALA C 23 -3.04 7.35 -17.89
C ALA C 23 -4.11 6.68 -17.11
N ASN C 24 -4.19 7.14 -15.89
CA ASN C 24 -5.15 6.65 -14.94
C ASN C 24 -6.51 6.64 -15.51
N PHE C 25 -6.78 7.50 -16.40
CA PHE C 25 -8.11 7.42 -16.90
C PHE C 25 -8.33 6.29 -17.86
N GLU C 26 -7.33 5.95 -18.63
CA GLU C 26 -7.50 4.88 -19.60
C GLU C 26 -7.84 3.58 -18.92
N LYS C 27 -6.95 3.29 -18.06
CA LYS C 27 -6.99 2.13 -17.27
C LYS C 27 -8.34 1.86 -16.59
N ASN C 28 -8.86 2.82 -15.79
CA ASN C 28 -10.14 2.73 -15.06
C ASN C 28 -11.37 2.91 -15.95
N VAL C 29 -11.61 4.11 -16.46
CA VAL C 29 -12.79 4.31 -17.29
C VAL C 29 -12.94 3.42 -18.51
N SER C 30 -11.86 3.25 -19.23
CA SER C 30 -11.82 2.43 -20.41
C SER C 30 -10.95 1.30 -20.03
N GLN C 31 -10.74 0.39 -20.86
CA GLN C 31 -9.90 -0.65 -20.38
C GLN C 31 -8.78 -0.78 -21.40
N ALA C 32 -7.93 0.28 -21.44
CA ALA C 32 -6.79 0.42 -22.37
C ALA C 32 -5.42 0.41 -21.79
N ILE C 33 -5.16 -0.66 -21.15
CA ILE C 33 -3.94 -0.99 -20.48
C ILE C 33 -2.74 -0.52 -21.28
N HIS C 34 -2.92 -0.51 -22.60
CA HIS C 34 -1.90 -0.08 -23.52
C HIS C 34 -1.63 1.41 -23.45
N LYS C 35 -2.66 2.25 -23.70
CA LYS C 35 -2.48 3.68 -23.66
C LYS C 35 -2.07 4.06 -22.29
N TYR C 36 -2.79 3.38 -21.50
CA TYR C 36 -2.64 3.54 -20.14
C TYR C 36 -1.23 3.21 -19.81
N ASN C 37 -0.70 2.27 -20.53
CA ASN C 37 0.69 1.94 -20.27
C ASN C 37 1.54 2.96 -20.95
N ALA C 38 1.00 3.51 -22.03
CA ALA C 38 1.72 4.51 -22.79
C ALA C 38 2.05 5.70 -21.94
N TYR C 39 0.98 6.39 -21.52
CA TYR C 39 1.10 7.56 -20.68
C TYR C 39 2.04 7.38 -19.55
N ARG C 40 2.07 6.19 -19.01
CA ARG C 40 2.95 5.95 -17.87
C ARG C 40 4.46 5.96 -18.05
N LYS C 41 4.90 5.34 -19.14
CA LYS C 41 6.31 5.34 -19.35
C LYS C 41 6.69 6.77 -19.75
N ALA C 42 5.82 7.35 -20.60
CA ALA C 42 6.05 8.69 -21.02
C ALA C 42 6.18 9.59 -19.84
N ALA C 43 5.16 9.52 -19.01
CA ALA C 43 5.18 10.32 -17.82
C ALA C 43 6.38 9.96 -16.99
N SER C 44 6.91 8.78 -17.20
CA SER C 44 8.06 8.36 -16.43
C SER C 44 9.38 9.05 -16.80
N VAL C 45 9.67 9.06 -18.12
CA VAL C 45 10.86 9.64 -18.73
C VAL C 45 10.88 11.13 -18.75
N ILE C 46 9.75 11.77 -19.15
CA ILE C 46 9.77 13.21 -19.14
C ILE C 46 10.02 13.62 -17.69
N ALA C 47 9.72 12.73 -16.77
CA ALA C 47 9.95 13.09 -15.38
C ALA C 47 11.43 13.21 -15.04
N LYS C 48 12.24 12.31 -15.60
CA LYS C 48 13.68 12.26 -15.40
C LYS C 48 14.42 13.40 -16.11
N TYR C 49 13.93 13.67 -17.34
CA TYR C 49 14.47 14.71 -18.18
C TYR C 49 14.60 15.96 -17.37
N PRO C 50 15.88 16.23 -17.27
CA PRO C 50 16.67 17.26 -16.63
C PRO C 50 16.58 18.64 -17.29
N HIS C 51 15.63 18.81 -18.18
CA HIS C 51 15.53 20.07 -18.82
C HIS C 51 14.08 20.46 -18.91
N LYS C 52 13.79 21.75 -19.02
CA LYS C 52 12.43 22.20 -19.14
C LYS C 52 11.93 21.90 -20.55
N ILE C 53 10.96 21.01 -20.67
CA ILE C 53 10.48 20.71 -21.98
C ILE C 53 9.75 21.95 -22.48
N LYS C 54 10.18 22.46 -23.63
CA LYS C 54 9.57 23.64 -24.17
C LYS C 54 8.58 23.44 -25.31
N SER C 55 8.47 22.18 -25.73
CA SER C 55 7.57 21.85 -26.81
C SER C 55 7.42 20.36 -26.99
N GLY C 56 6.42 20.08 -27.77
CA GLY C 56 6.18 18.71 -28.05
C GLY C 56 7.36 18.04 -28.73
N ALA C 57 7.82 18.64 -29.81
CA ALA C 57 8.93 18.04 -30.52
C ALA C 57 10.15 17.73 -29.69
N GLU C 58 10.38 18.54 -28.74
CA GLU C 58 11.50 18.38 -27.86
C GLU C 58 11.32 17.17 -27.05
N ALA C 59 10.05 16.97 -26.64
CA ALA C 59 9.66 15.85 -25.80
C ALA C 59 9.80 14.61 -26.53
N LYS C 60 9.20 14.76 -27.71
CA LYS C 60 9.06 13.79 -28.77
C LYS C 60 10.29 12.95 -29.01
N LYS C 61 11.45 13.60 -28.83
CA LYS C 61 12.72 12.96 -28.99
C LYS C 61 12.87 11.92 -27.91
N LEU C 62 12.01 11.95 -26.91
CA LEU C 62 12.13 10.99 -25.86
C LEU C 62 11.62 9.60 -26.24
N PRO C 63 12.19 8.67 -25.52
CA PRO C 63 11.86 7.30 -25.62
C PRO C 63 10.49 7.16 -24.91
N GLY C 64 9.54 6.68 -25.70
CA GLY C 64 8.17 6.49 -25.28
C GLY C 64 7.32 7.63 -25.76
N VAL C 65 7.92 8.78 -26.14
CA VAL C 65 7.03 9.78 -26.57
C VAL C 65 6.88 9.88 -28.06
N GLY C 66 5.72 9.55 -28.41
CA GLY C 66 5.40 9.56 -29.77
C GLY C 66 4.57 10.75 -30.01
N THR C 67 4.12 10.80 -31.20
CA THR C 67 3.33 11.84 -31.69
C THR C 67 2.08 12.17 -30.94
N LYS C 68 1.38 11.15 -30.37
CA LYS C 68 0.15 11.41 -29.62
C LYS C 68 0.32 12.26 -28.38
N ILE C 69 1.25 11.81 -27.55
CA ILE C 69 1.54 12.52 -26.35
C ILE C 69 2.11 13.96 -26.64
N ALA C 70 3.00 14.02 -27.62
CA ALA C 70 3.65 15.23 -28.09
C ALA C 70 2.56 16.26 -28.34
N GLU C 71 1.54 15.80 -28.96
CA GLU C 71 0.47 16.68 -29.23
C GLU C 71 -0.18 17.16 -27.97
N LYS C 72 -0.29 16.26 -27.01
CA LYS C 72 -0.90 16.68 -25.79
C LYS C 72 0.02 17.67 -25.10
N ILE C 73 1.30 17.34 -25.12
CA ILE C 73 2.27 18.23 -24.55
C ILE C 73 2.15 19.62 -25.18
N ASP C 74 2.01 19.73 -26.51
CA ASP C 74 1.90 21.07 -27.03
C ASP C 74 0.74 21.86 -26.45
N GLU C 75 -0.49 21.35 -26.64
CA GLU C 75 -1.73 21.96 -26.13
C GLU C 75 -1.60 22.33 -24.68
N PHE C 76 -1.02 21.49 -23.96
CA PHE C 76 -0.89 21.85 -22.58
C PHE C 76 0.09 22.98 -22.35
N LEU C 77 1.22 23.00 -23.09
CA LEU C 77 2.19 24.06 -22.92
C LEU C 77 1.59 25.31 -23.42
N ALA C 78 1.04 25.20 -24.63
CA ALA C 78 0.41 26.34 -25.22
C ALA C 78 -0.64 26.94 -24.26
N THR C 79 -1.85 26.39 -24.17
CA THR C 79 -2.88 26.90 -23.24
C THR C 79 -2.78 26.10 -21.94
N GLY C 80 -2.77 26.72 -20.80
CA GLY C 80 -2.65 25.95 -19.55
C GLY C 80 -3.62 24.80 -19.31
N LYS C 81 -4.22 24.21 -20.34
CA LYS C 81 -5.13 23.11 -20.12
C LYS C 81 -4.98 22.07 -21.18
N LEU C 82 -5.99 21.21 -21.26
CA LEU C 82 -6.05 20.13 -22.22
C LEU C 82 -7.54 19.84 -22.55
N ARG C 83 -7.95 19.57 -23.81
CA ARG C 83 -9.38 19.33 -23.99
C ARG C 83 -9.87 18.06 -23.37
N LYS C 84 -9.25 16.98 -23.76
CA LYS C 84 -9.58 15.67 -23.27
C LYS C 84 -9.58 15.73 -21.78
N LEU C 85 -8.63 16.42 -21.19
CA LEU C 85 -8.65 16.49 -19.73
C LEU C 85 -9.86 17.28 -19.27
N GLU C 86 -10.20 18.36 -19.97
CA GLU C 86 -11.35 19.13 -19.51
C GLU C 86 -12.63 18.31 -19.65
N LYS C 87 -12.76 17.66 -20.82
CA LYS C 87 -13.89 16.81 -21.12
C LYS C 87 -14.05 15.75 -19.98
N ILE C 88 -13.08 14.82 -19.81
CA ILE C 88 -13.04 13.74 -18.80
C ILE C 88 -13.47 14.11 -17.41
N ARG C 89 -12.80 15.15 -16.93
CA ARG C 89 -12.92 15.78 -15.65
C ARG C 89 -14.41 16.08 -15.37
N GLN C 90 -15.12 16.49 -16.43
CA GLN C 90 -16.54 16.82 -16.42
C GLN C 90 -17.43 15.61 -16.47
N ASP C 91 -17.07 14.64 -17.35
CA ASP C 91 -17.79 13.38 -17.62
C ASP C 91 -18.32 12.67 -16.46
N ASP C 92 -19.59 12.70 -16.36
CA ASP C 92 -20.15 12.02 -15.23
C ASP C 92 -19.90 10.54 -15.08
N THR C 93 -19.79 9.82 -16.17
CA THR C 93 -19.55 8.41 -16.00
C THR C 93 -18.19 8.17 -15.36
N SER C 94 -17.27 8.80 -15.95
CA SER C 94 -15.97 8.68 -15.48
C SER C 94 -15.84 9.22 -14.05
N SER C 95 -16.58 10.27 -13.71
CA SER C 95 -16.46 10.81 -12.35
C SER C 95 -16.93 9.78 -11.38
N SER C 96 -18.01 9.16 -11.84
CA SER C 96 -18.69 8.12 -11.11
C SER C 96 -17.82 6.94 -10.82
N ILE C 97 -17.08 6.47 -11.80
CA ILE C 97 -16.22 5.34 -11.54
C ILE C 97 -15.13 5.73 -10.57
N ASN C 98 -14.65 6.94 -10.71
CA ASN C 98 -13.61 7.31 -9.83
C ASN C 98 -13.92 7.36 -8.39
N PHE C 99 -15.17 7.57 -8.16
CA PHE C 99 -15.78 7.67 -6.86
C PHE C 99 -16.10 6.32 -6.17
N LEU C 100 -16.91 5.48 -6.86
CA LEU C 100 -17.29 4.17 -6.36
C LEU C 100 -16.06 3.37 -5.93
N THR C 101 -15.02 3.61 -6.66
CA THR C 101 -13.78 2.98 -6.44
C THR C 101 -13.21 3.27 -5.11
N ARG C 102 -13.79 4.21 -4.43
CA ARG C 102 -13.27 4.54 -3.10
C ARG C 102 -13.71 3.68 -2.00
N VAL C 103 -14.61 2.79 -2.35
CA VAL C 103 -15.11 1.91 -1.38
C VAL C 103 -14.24 0.74 -1.34
N SER C 104 -13.80 0.46 -0.17
CA SER C 104 -12.93 -0.63 0.01
C SER C 104 -13.64 -1.83 -0.44
N GLY C 105 -13.07 -2.45 -1.48
CA GLY C 105 -13.61 -3.65 -2.05
C GLY C 105 -14.12 -3.47 -3.45
N ILE C 106 -14.31 -2.21 -3.83
CA ILE C 106 -14.78 -1.83 -5.14
C ILE C 106 -13.59 -1.38 -5.84
N GLY C 107 -13.31 -2.02 -6.94
CA GLY C 107 -12.21 -1.80 -7.85
C GLY C 107 -12.84 -1.18 -9.11
N PRO C 108 -12.04 -1.05 -10.16
CA PRO C 108 -12.51 -0.48 -11.39
C PRO C 108 -13.49 -1.29 -12.10
N SER C 109 -13.21 -2.60 -12.06
CA SER C 109 -14.04 -3.56 -12.73
C SER C 109 -15.47 -3.51 -12.27
N ALA C 110 -15.61 -3.60 -10.98
CA ALA C 110 -16.91 -3.54 -10.42
C ALA C 110 -17.47 -2.15 -10.57
N ALA C 111 -16.61 -1.13 -10.40
CA ALA C 111 -17.07 0.22 -10.51
C ALA C 111 -17.74 0.42 -11.85
N ARG C 112 -17.10 -0.02 -12.91
CA ARG C 112 -17.73 0.14 -14.20
C ARG C 112 -19.06 -0.57 -14.29
N LYS C 113 -19.09 -1.79 -13.78
CA LYS C 113 -20.30 -2.59 -13.82
C LYS C 113 -21.57 -1.95 -13.27
N PHE C 114 -21.45 -1.42 -12.09
CA PHE C 114 -22.43 -0.74 -11.27
C PHE C 114 -22.94 0.47 -11.92
N VAL C 115 -22.02 1.08 -12.57
CA VAL C 115 -22.32 2.29 -13.27
C VAL C 115 -23.20 1.94 -14.40
N ASP C 116 -22.79 0.83 -15.02
CA ASP C 116 -23.54 0.34 -16.11
C ASP C 116 -24.97 0.18 -15.73
N GLU C 117 -25.15 -0.50 -14.61
CA GLU C 117 -26.47 -0.72 -14.07
C GLU C 117 -26.99 0.58 -13.53
N GLY C 118 -26.12 1.56 -13.37
CA GLY C 118 -26.65 2.80 -12.85
C GLY C 118 -26.48 3.11 -11.37
N ILE C 119 -25.50 2.49 -10.69
CA ILE C 119 -25.27 2.79 -9.28
C ILE C 119 -24.13 3.72 -9.37
N LYS C 120 -24.37 4.95 -9.20
CA LYS C 120 -23.30 5.89 -9.34
C LYS C 120 -23.05 6.59 -8.03
N THR C 121 -24.00 6.52 -7.17
CA THR C 121 -23.82 7.16 -5.92
C THR C 121 -23.80 6.21 -4.74
N LEU C 122 -23.32 6.75 -3.64
CA LEU C 122 -23.22 6.04 -2.38
C LEU C 122 -24.60 5.60 -1.89
N GLU C 123 -25.59 6.40 -2.20
CA GLU C 123 -26.92 6.06 -1.82
C GLU C 123 -27.40 4.86 -2.68
N ASP C 124 -26.99 4.89 -3.96
CA ASP C 124 -27.34 3.83 -4.83
C ASP C 124 -26.80 2.61 -4.24
N LEU C 125 -25.63 2.78 -3.69
CA LEU C 125 -25.05 1.64 -3.09
C LEU C 125 -25.87 1.16 -1.99
N ARG C 126 -26.49 2.03 -1.28
CA ARG C 126 -27.26 1.47 -0.19
C ARG C 126 -28.47 0.64 -0.55
N LYS C 127 -29.29 1.16 -1.42
CA LYS C 127 -30.48 0.44 -1.80
C LYS C 127 -30.14 -0.80 -2.56
N ASN C 128 -28.89 -0.99 -2.79
CA ASN C 128 -28.52 -2.13 -3.53
C ASN C 128 -27.50 -2.95 -2.88
N GLU C 129 -27.50 -2.91 -1.59
CA GLU C 129 -26.55 -3.66 -0.86
C GLU C 129 -26.51 -5.15 -1.24
N ASP C 130 -27.56 -5.60 -1.88
CA ASP C 130 -27.64 -6.99 -2.30
C ASP C 130 -26.59 -7.36 -3.38
N LYS C 131 -26.36 -6.42 -4.30
CA LYS C 131 -25.42 -6.51 -5.40
C LYS C 131 -23.98 -6.51 -5.00
N LEU C 132 -23.75 -6.23 -3.69
CA LEU C 132 -22.45 -6.13 -3.01
C LEU C 132 -22.06 -7.39 -2.21
N ASN C 133 -20.76 -7.76 -2.24
CA ASN C 133 -20.26 -8.90 -1.49
C ASN C 133 -19.92 -8.52 -0.01
N HIS C 134 -19.36 -9.42 0.75
CA HIS C 134 -19.06 -9.07 2.11
C HIS C 134 -18.09 -7.91 2.29
N HIS C 135 -16.93 -8.00 1.65
CA HIS C 135 -15.92 -6.96 1.73
C HIS C 135 -16.55 -5.57 1.46
N GLN C 136 -17.11 -5.47 0.27
CA GLN C 136 -17.77 -4.28 -0.19
C GLN C 136 -18.84 -3.83 0.72
N ARG C 137 -19.44 -4.75 1.43
CA ARG C 137 -20.49 -4.34 2.34
C ARG C 137 -19.87 -3.63 3.47
N ILE C 138 -18.85 -4.22 3.99
CA ILE C 138 -18.19 -3.56 5.08
C ILE C 138 -17.57 -2.20 4.64
N GLY C 139 -16.94 -2.16 3.46
CA GLY C 139 -16.37 -0.94 2.97
C GLY C 139 -17.43 0.15 2.92
N LEU C 140 -18.64 -0.23 2.51
CA LEU C 140 -19.76 0.71 2.42
C LEU C 140 -20.19 1.19 3.76
N LYS C 141 -20.20 0.27 4.69
CA LYS C 141 -20.57 0.51 6.06
C LYS C 141 -19.67 1.52 6.78
N TYR C 142 -18.35 1.41 6.62
CA TYR C 142 -17.40 2.31 7.25
C TYR C 142 -16.73 3.26 6.26
N PHE C 143 -17.44 3.61 5.20
CA PHE C 143 -16.96 4.48 4.19
C PHE C 143 -16.33 5.76 4.82
N GLY C 144 -17.08 6.46 5.67
CA GLY C 144 -16.52 7.62 6.32
C GLY C 144 -15.30 7.19 7.16
N ASP C 145 -15.47 6.39 8.22
CA ASP C 145 -14.35 5.95 9.04
C ASP C 145 -13.14 5.44 8.27
N PHE C 146 -13.33 4.86 7.11
CA PHE C 146 -12.16 4.37 6.41
C PHE C 146 -11.38 5.42 5.74
N GLU C 147 -12.08 6.50 5.43
CA GLU C 147 -11.36 7.57 4.76
C GLU C 147 -10.46 8.42 5.65
N LYS C 148 -10.70 8.31 6.99
CA LYS C 148 -10.03 9.00 8.07
C LYS C 148 -8.65 8.47 8.52
N ARG C 149 -7.66 9.40 8.59
CA ARG C 149 -6.31 9.04 9.03
C ARG C 149 -6.27 8.52 10.50
N ILE C 150 -5.27 7.71 10.90
CA ILE C 150 -5.33 7.31 12.30
C ILE C 150 -4.39 8.15 13.14
N PRO C 151 -4.91 8.90 14.18
CA PRO C 151 -4.00 9.70 14.97
C PRO C 151 -3.16 8.75 15.81
N ARG C 152 -1.85 8.98 15.75
CA ARG C 152 -0.85 8.19 16.46
C ARG C 152 -1.24 7.91 17.88
N GLU C 153 -1.84 8.94 18.50
CA GLU C 153 -2.31 8.94 19.88
C GLU C 153 -3.12 7.71 20.07
N GLU C 154 -3.95 7.38 19.03
CA GLU C 154 -4.83 6.20 18.98
C GLU C 154 -4.01 4.96 18.66
N MET C 155 -3.05 5.13 17.76
CA MET C 155 -2.15 4.06 17.35
C MET C 155 -1.56 3.33 18.56
N LEU C 156 -1.10 4.14 19.55
CA LEU C 156 -0.50 3.73 20.84
C LEU C 156 -1.52 2.95 21.67
N GLN C 157 -2.79 3.36 21.61
CA GLN C 157 -3.72 2.56 22.37
C GLN C 157 -3.96 1.23 21.72
N MET C 158 -4.07 1.27 20.42
CA MET C 158 -4.29 0.04 19.68
C MET C 158 -3.17 -0.97 19.84
N GLN C 159 -1.93 -0.46 19.72
CA GLN C 159 -0.73 -1.25 19.84
C GLN C 159 -0.69 -1.82 21.18
N ASP C 160 -1.12 -0.99 22.07
CA ASP C 160 -1.14 -1.40 23.43
C ASP C 160 -2.01 -2.62 23.60
N ILE C 161 -3.15 -2.63 22.95
CA ILE C 161 -4.04 -3.76 23.10
C ILE C 161 -3.59 -5.03 22.46
N VAL C 162 -3.23 -4.88 21.21
CA VAL C 162 -2.80 -6.03 20.49
C VAL C 162 -1.66 -6.70 21.18
N LEU C 163 -0.72 -5.92 21.70
CA LEU C 163 0.40 -6.59 22.35
C LEU C 163 0.09 -7.44 23.54
N ASN C 164 -0.83 -6.93 24.37
CA ASN C 164 -1.26 -7.61 25.56
C ASN C 164 -1.98 -8.92 25.23
N GLU C 165 -2.93 -8.88 24.29
CA GLU C 165 -3.58 -10.12 24.02
C GLU C 165 -2.67 -11.16 23.46
N VAL C 166 -1.90 -10.77 22.45
CA VAL C 166 -0.96 -11.63 21.75
C VAL C 166 -0.21 -12.44 22.71
N LYS C 167 0.25 -11.70 23.68
CA LYS C 167 1.05 -12.26 24.72
C LYS C 167 0.29 -13.12 25.64
N LYS C 168 -0.93 -12.70 25.98
CA LYS C 168 -1.68 -13.55 26.85
C LYS C 168 -1.90 -14.86 26.16
N VAL C 169 -2.16 -14.81 24.88
CA VAL C 169 -2.39 -16.07 24.21
C VAL C 169 -1.23 -17.03 24.26
N ASP C 170 -0.10 -16.56 23.84
CA ASP C 170 1.06 -17.38 23.85
C ASP C 170 2.12 -16.39 24.07
N SER C 171 3.10 -16.75 24.87
CA SER C 171 4.14 -15.83 25.16
C SER C 171 5.26 -15.89 24.21
N GLU C 172 5.18 -16.88 23.35
CA GLU C 172 6.16 -17.12 22.34
C GLU C 172 5.93 -16.25 21.11
N TYR C 173 4.82 -15.51 21.09
CA TYR C 173 4.53 -14.65 19.97
C TYR C 173 5.34 -13.41 20.04
N ILE C 174 5.74 -12.98 18.85
CA ILE C 174 6.51 -11.79 18.60
C ILE C 174 5.73 -10.99 17.59
N ALA C 175 5.33 -9.81 18.00
CA ALA C 175 4.57 -8.93 17.14
C ALA C 175 5.21 -7.58 17.08
N THR C 176 5.17 -6.99 15.92
CA THR C 176 5.75 -5.68 15.73
C THR C 176 4.80 -4.90 14.87
N VAL C 177 4.51 -3.67 15.21
CA VAL C 177 3.60 -2.91 14.40
C VAL C 177 4.45 -2.17 13.43
N CYS C 178 4.31 -2.50 12.15
CA CYS C 178 5.13 -1.86 11.15
C CYS C 178 4.59 -0.58 10.59
N GLY C 179 4.90 -0.21 9.36
CA GLY C 179 4.35 1.02 8.85
C GLY C 179 5.00 2.28 9.36
N SER C 180 4.44 3.38 8.82
CA SER C 180 4.82 4.77 9.08
C SER C 180 4.84 5.05 10.56
N PHE C 181 3.97 4.31 11.24
CA PHE C 181 3.84 4.42 12.67
C PHE C 181 5.07 3.98 13.36
N ARG C 182 5.76 3.07 12.75
CA ARG C 182 6.98 2.54 13.30
C ARG C 182 8.07 3.52 13.11
N ARG C 183 7.95 4.24 12.00
CA ARG C 183 8.88 5.29 11.55
C ARG C 183 8.71 6.69 12.24
N GLY C 184 7.83 6.80 13.27
CA GLY C 184 7.57 8.03 13.99
C GLY C 184 6.24 8.73 13.62
N ALA C 185 5.78 8.58 12.37
CA ALA C 185 4.55 9.14 11.77
C ALA C 185 3.50 9.66 12.73
N GLU C 186 2.98 10.84 12.44
CA GLU C 186 1.97 11.45 13.30
C GLU C 186 0.59 10.79 13.20
N SER C 187 0.39 10.22 12.04
CA SER C 187 -0.84 9.57 11.78
C SER C 187 -0.54 8.48 10.81
N SER C 188 -1.49 7.58 10.67
CA SER C 188 -1.26 6.53 9.74
C SER C 188 -2.61 6.18 9.16
N GLY C 189 -2.59 5.39 8.08
CA GLY C 189 -3.77 4.94 7.37
C GLY C 189 -4.46 3.74 8.03
N ASP C 190 -3.66 2.71 8.41
CA ASP C 190 -4.12 1.47 9.05
C ASP C 190 -3.07 0.81 9.87
N MET C 191 -3.46 -0.03 10.76
CA MET C 191 -2.45 -0.70 11.53
C MET C 191 -1.89 -1.99 10.89
N ASP C 192 -0.58 -2.16 10.75
CA ASP C 192 -0.04 -3.39 10.18
C ASP C 192 0.69 -4.11 11.26
N VAL C 193 0.27 -5.27 11.58
CA VAL C 193 0.97 -5.99 12.61
C VAL C 193 1.66 -7.23 11.99
N LEU C 194 3.01 -7.38 12.07
CA LEU C 194 3.78 -8.51 11.55
C LEU C 194 3.98 -9.46 12.70
N LEU C 195 3.63 -10.69 12.46
CA LEU C 195 3.74 -11.65 13.49
C LEU C 195 4.44 -12.90 13.16
N THR C 196 5.12 -13.43 14.13
CA THR C 196 5.79 -14.66 13.84
C THR C 196 5.87 -15.37 15.10
N HIS C 197 6.24 -16.58 15.01
CA HIS C 197 6.33 -17.36 16.19
C HIS C 197 7.51 -18.30 15.97
N PRO C 198 8.07 -18.86 17.05
CA PRO C 198 9.22 -19.76 16.97
C PRO C 198 8.90 -21.13 16.40
N SER C 199 7.82 -21.70 16.82
CA SER C 199 7.54 -22.96 16.25
C SER C 199 7.12 -22.83 14.76
N PHE C 200 7.30 -21.64 14.06
CA PHE C 200 6.90 -21.46 12.60
C PHE C 200 7.88 -20.74 11.73
N THR C 201 8.55 -21.53 10.90
CA THR C 201 9.58 -21.09 9.96
C THR C 201 9.58 -21.75 8.58
N SER C 202 10.31 -21.17 7.60
CA SER C 202 10.47 -21.61 6.19
C SER C 202 9.94 -22.99 5.86
N GLU C 203 10.45 -23.97 6.63
CA GLU C 203 10.10 -25.39 6.51
C GLU C 203 8.83 -25.82 7.24
N SER C 204 8.92 -26.00 8.57
CA SER C 204 7.84 -26.41 9.49
C SER C 204 6.45 -26.19 8.95
N THR C 205 6.01 -27.14 8.11
CA THR C 205 4.71 -27.09 7.47
C THR C 205 3.56 -26.41 8.17
N LYS C 206 3.50 -25.10 8.00
CA LYS C 206 2.48 -24.27 8.58
C LYS C 206 2.01 -24.62 10.00
N GLN C 207 0.96 -23.90 10.38
CA GLN C 207 0.28 -23.98 11.64
C GLN C 207 -0.70 -22.80 11.70
N PRO C 208 -1.75 -22.97 10.90
CA PRO C 208 -2.83 -22.02 10.72
C PRO C 208 -3.35 -21.46 12.04
N LYS C 209 -3.45 -22.36 13.03
CA LYS C 209 -3.94 -21.98 14.31
C LYS C 209 -3.21 -20.83 14.83
N LEU C 210 -1.89 -20.82 14.63
CA LEU C 210 -1.06 -19.70 15.08
C LEU C 210 -1.69 -18.36 14.70
N LEU C 211 -2.16 -18.18 13.47
CA LEU C 211 -2.76 -16.90 13.18
C LEU C 211 -4.18 -16.74 13.77
N HIS C 212 -4.91 -17.82 13.65
CA HIS C 212 -6.25 -17.96 14.11
C HIS C 212 -6.41 -17.78 15.54
N GLN C 213 -5.53 -18.36 16.39
CA GLN C 213 -5.73 -18.16 17.84
C GLN C 213 -5.76 -16.72 18.15
N VAL C 214 -4.74 -16.05 17.65
CA VAL C 214 -4.71 -14.65 17.90
C VAL C 214 -5.88 -13.84 17.40
N VAL C 215 -6.29 -14.06 16.17
CA VAL C 215 -7.42 -13.29 15.67
C VAL C 215 -8.60 -13.49 16.55
N GLU C 216 -8.68 -14.71 16.97
CA GLU C 216 -9.72 -15.11 17.85
C GLU C 216 -9.66 -14.39 19.20
N GLN C 217 -8.48 -14.13 19.69
CA GLN C 217 -8.45 -13.46 20.95
C GLN C 217 -8.99 -12.06 20.80
N LEU C 218 -8.43 -11.43 19.83
CA LEU C 218 -8.72 -10.09 19.52
C LEU C 218 -10.19 -9.76 19.38
N GLN C 219 -10.90 -10.60 18.64
CA GLN C 219 -12.33 -10.45 18.40
C GLN C 219 -13.02 -10.72 19.71
N LYS C 220 -12.35 -11.64 20.44
CA LYS C 220 -12.84 -12.07 21.71
C LYS C 220 -13.09 -10.94 22.61
N VAL C 221 -12.13 -10.07 22.79
CA VAL C 221 -12.34 -8.93 23.66
C VAL C 221 -12.93 -7.73 22.95
N HIS C 222 -13.39 -7.85 21.70
CA HIS C 222 -13.97 -6.74 20.90
C HIS C 222 -13.07 -5.75 20.24
N PHE C 223 -11.82 -6.12 19.99
CA PHE C 223 -10.94 -5.23 19.32
C PHE C 223 -11.22 -5.36 17.81
N ILE C 224 -11.39 -6.59 17.35
CA ILE C 224 -11.69 -6.80 15.97
C ILE C 224 -13.15 -6.95 15.84
N THR C 225 -13.73 -6.20 14.98
CA THR C 225 -15.17 -6.25 14.81
C THR C 225 -15.67 -6.80 13.53
N ASP C 226 -14.78 -6.99 12.59
CA ASP C 226 -15.13 -7.51 11.30
C ASP C 226 -13.92 -8.15 10.64
N THR C 227 -14.24 -9.10 9.78
CA THR C 227 -13.29 -9.84 9.01
C THR C 227 -13.51 -9.53 7.51
N LEU C 228 -12.50 -9.00 6.88
CA LEU C 228 -12.62 -8.69 5.49
C LEU C 228 -12.08 -9.91 4.77
N SER C 229 -11.04 -10.49 5.33
CA SER C 229 -10.46 -11.64 4.68
C SER C 229 -9.53 -12.34 5.63
N LYS C 230 -9.82 -13.54 5.87
CA LYS C 230 -8.98 -14.18 6.77
C LYS C 230 -8.50 -15.47 6.19
N GLY C 231 -7.19 -15.61 6.06
CA GLY C 231 -6.68 -16.85 5.52
C GLY C 231 -5.69 -17.47 6.45
N GLU C 232 -4.82 -18.30 5.96
CA GLU C 232 -3.89 -18.89 6.89
C GLU C 232 -2.62 -18.15 7.24
N THR C 233 -2.41 -16.95 6.73
CA THR C 233 -1.22 -16.23 7.04
C THR C 233 -1.43 -14.77 7.08
N LYS C 234 -2.53 -14.36 6.47
CA LYS C 234 -2.91 -12.97 6.37
C LYS C 234 -4.37 -12.85 6.72
N PHE C 235 -4.64 -12.03 7.72
CA PHE C 235 -5.97 -11.71 8.22
C PHE C 235 -6.15 -10.27 7.89
N MET C 236 -7.31 -9.86 7.37
CA MET C 236 -7.54 -8.46 7.03
C MET C 236 -8.85 -8.05 7.60
N GLY C 237 -8.92 -7.29 8.70
CA GLY C 237 -10.19 -6.90 9.26
C GLY C 237 -10.41 -5.43 9.56
N VAL C 238 -11.22 -5.19 10.58
CA VAL C 238 -11.61 -3.87 11.08
C VAL C 238 -11.52 -3.93 12.60
N CYS C 239 -10.99 -2.87 13.24
CA CYS C 239 -10.91 -2.86 14.70
C CYS C 239 -11.45 -1.58 15.28
N GLN C 240 -11.50 -1.52 16.61
CA GLN C 240 -12.00 -0.32 17.26
C GLN C 240 -11.73 -0.18 18.70
N LEU C 241 -11.20 0.97 19.07
CA LEU C 241 -10.98 1.17 20.47
C LEU C 241 -12.27 1.40 21.12
N PRO C 242 -12.39 0.74 22.25
CA PRO C 242 -13.50 0.80 23.08
C PRO C 242 -13.78 2.21 23.29
N SER C 243 -15.00 2.42 22.92
CA SER C 243 -15.65 3.65 22.98
C SER C 243 -16.00 3.65 24.43
N LYS C 244 -15.08 4.32 25.09
CA LYS C 244 -14.96 4.57 26.51
C LYS C 244 -16.27 4.76 27.24
N ASN C 245 -16.26 5.91 27.90
CA ASN C 245 -17.36 6.35 28.68
C ASN C 245 -18.40 7.25 27.98
N ASP C 246 -18.99 6.70 26.93
CA ASP C 246 -20.00 7.42 26.17
C ASP C 246 -19.64 8.83 25.76
N GLU C 247 -20.35 9.28 24.72
CA GLU C 247 -20.21 10.58 24.10
C GLU C 247 -19.19 10.52 22.98
N LYS C 248 -18.26 9.58 23.12
CA LYS C 248 -17.24 9.43 22.10
C LYS C 248 -16.83 7.99 21.78
N GLU C 249 -17.43 7.44 20.72
CA GLU C 249 -17.15 6.11 20.24
C GLU C 249 -16.01 6.30 19.20
N TYR C 250 -15.19 5.29 18.96
CA TYR C 250 -14.14 5.50 18.00
C TYR C 250 -14.47 5.03 16.56
N PRO C 251 -13.77 5.63 15.63
CA PRO C 251 -13.87 5.32 14.25
C PRO C 251 -13.32 3.93 14.08
N HIS C 252 -13.95 3.19 13.10
CA HIS C 252 -13.61 1.80 12.75
C HIS C 252 -12.36 1.84 11.99
N ARG C 253 -11.33 1.10 12.46
CA ARG C 253 -10.06 1.15 11.77
C ARG C 253 -9.70 -0.09 10.99
N ARG C 254 -8.90 0.07 9.97
CA ARG C 254 -8.48 -1.03 9.17
C ARG C 254 -7.30 -1.65 9.81
N ILE C 255 -7.26 -2.95 9.84
CA ILE C 255 -6.14 -3.64 10.40
C ILE C 255 -5.79 -4.87 9.54
N ASP C 256 -4.47 -5.18 9.52
CA ASP C 256 -3.90 -6.30 8.80
C ASP C 256 -2.90 -6.94 9.67
N ILE C 257 -3.01 -8.26 9.73
CA ILE C 257 -2.12 -9.06 10.54
C ILE C 257 -1.58 -10.15 9.69
N ARG C 258 -0.27 -10.35 9.73
CA ARG C 258 0.40 -11.36 8.95
C ARG C 258 1.34 -12.23 9.75
N LEU C 259 1.26 -13.52 9.44
CA LEU C 259 2.05 -14.54 10.10
C LEU C 259 3.33 -14.78 9.32
N ILE C 260 4.46 -14.78 10.00
CA ILE C 260 5.69 -15.00 9.29
C ILE C 260 6.53 -16.02 9.92
N PRO C 261 7.17 -16.72 9.02
CA PRO C 261 8.07 -17.77 9.36
C PRO C 261 9.04 -16.99 10.13
N LYS C 262 9.26 -17.41 11.35
CA LYS C 262 10.18 -16.69 12.16
C LYS C 262 11.52 -16.48 11.49
N ASP C 263 11.91 -17.40 10.63
CA ASP C 263 13.19 -17.21 10.01
C ASP C 263 13.32 -16.09 8.97
N GLN C 264 12.26 -15.38 8.75
CA GLN C 264 12.31 -14.30 7.81
C GLN C 264 11.50 -13.11 8.26
N TYR C 265 11.44 -12.97 9.60
CA TYR C 265 10.77 -11.93 10.30
C TYR C 265 11.46 -10.62 9.93
N TYR C 266 12.53 -10.21 10.64
CA TYR C 266 13.24 -8.96 10.35
C TYR C 266 13.38 -8.48 8.95
N CYS C 267 13.49 -9.35 7.96
CA CYS C 267 13.63 -8.85 6.61
C CYS C 267 12.37 -8.16 6.26
N GLY C 268 11.33 -8.87 6.67
CA GLY C 268 9.94 -8.48 6.53
C GLY C 268 9.67 -7.21 7.34
N VAL C 269 10.07 -7.22 8.61
CA VAL C 269 9.85 -6.08 9.41
C VAL C 269 10.65 -4.93 8.81
N LEU C 270 11.83 -5.27 8.30
CA LEU C 270 12.67 -4.29 7.72
C LEU C 270 11.96 -3.62 6.60
N TYR C 271 11.47 -4.46 5.79
CA TYR C 271 10.76 -4.13 4.62
C TYR C 271 9.50 -3.28 4.75
N PHE C 272 8.56 -3.77 5.56
CA PHE C 272 7.29 -3.13 5.82
C PHE C 272 7.37 -1.79 6.50
N THR C 273 8.45 -1.62 7.28
CA THR C 273 8.72 -0.40 8.01
C THR C 273 9.02 0.72 7.09
N GLY C 274 9.53 0.33 5.93
CA GLY C 274 9.89 1.26 4.87
C GLY C 274 11.02 2.20 5.25
N SER C 275 11.01 3.43 4.69
CA SER C 275 10.01 3.86 3.73
C SER C 275 10.38 3.26 2.42
N ASP C 276 9.54 3.43 1.42
CA ASP C 276 9.79 2.91 0.10
C ASP C 276 11.20 3.25 -0.35
N ILE C 277 11.57 4.52 -0.11
CA ILE C 277 12.88 5.11 -0.43
C ILE C 277 14.00 4.60 0.44
N PHE C 278 13.73 4.31 1.71
CA PHE C 278 14.80 3.82 2.53
C PHE C 278 15.10 2.44 2.07
N ASN C 279 14.04 1.85 1.59
CA ASN C 279 14.12 0.50 1.12
C ASN C 279 15.01 0.34 -0.06
N LYS C 280 14.56 0.99 -1.12
CA LYS C 280 15.25 0.99 -2.36
C LYS C 280 16.67 1.35 -2.04
N ASN C 281 16.88 2.48 -1.39
CA ASN C 281 18.23 2.86 -1.03
C ASN C 281 18.90 1.76 -0.20
N MET C 282 18.20 1.19 0.78
CA MET C 282 18.90 0.14 1.52
C MET C 282 19.24 -1.02 0.61
N ARG C 283 18.33 -1.23 -0.31
CA ARG C 283 18.46 -2.29 -1.27
C ARG C 283 19.56 -2.09 -2.24
N ALA C 284 19.66 -0.86 -2.74
CA ALA C 284 20.70 -0.56 -3.70
C ALA C 284 22.08 -0.77 -3.07
N HIS C 285 22.19 -0.37 -1.82
CA HIS C 285 23.41 -0.51 -1.09
C HIS C 285 23.87 -1.94 -0.86
N ALA C 286 22.92 -2.80 -0.54
CA ALA C 286 23.24 -4.19 -0.25
C ALA C 286 24.01 -4.84 -1.38
N LEU C 287 23.70 -4.37 -2.62
CA LEU C 287 24.21 -4.74 -3.97
C LEU C 287 25.68 -4.50 -4.19
N GLU C 288 26.10 -3.32 -3.79
CA GLU C 288 27.47 -3.02 -3.94
C GLU C 288 28.15 -3.89 -2.93
N LYS C 289 27.60 -3.87 -1.71
CA LYS C 289 28.13 -4.66 -0.62
C LYS C 289 28.17 -6.15 -0.89
N GLY C 290 27.73 -6.55 -2.10
CA GLY C 290 27.69 -7.94 -2.58
C GLY C 290 26.57 -8.82 -2.04
N PHE C 291 25.35 -8.27 -2.09
CA PHE C 291 24.17 -8.94 -1.61
C PHE C 291 22.92 -8.59 -2.31
N THR C 292 21.91 -9.22 -1.74
CA THR C 292 20.58 -9.07 -2.18
C THR C 292 19.62 -9.08 -0.99
N ILE C 293 18.67 -8.15 -1.07
CA ILE C 293 17.65 -7.98 -0.07
C ILE C 293 16.29 -7.98 -0.71
N ASN C 294 15.37 -8.59 0.02
CA ASN C 294 13.98 -8.71 -0.36
C ASN C 294 13.09 -8.87 0.86
N GLU C 295 11.80 -8.87 0.64
CA GLU C 295 10.83 -9.03 1.68
C GLU C 295 11.13 -10.23 2.63
N TYR C 296 11.99 -11.14 2.21
CA TYR C 296 12.15 -12.18 3.13
C TYR C 296 13.53 -12.57 3.48
N THR C 297 14.50 -12.14 2.74
CA THR C 297 15.83 -12.58 3.13
C THR C 297 16.89 -11.70 2.54
N ILE C 298 18.10 -12.13 2.81
CA ILE C 298 19.23 -11.44 2.29
C ILE C 298 20.23 -12.52 2.01
N ARG C 299 20.56 -12.60 0.73
CA ARG C 299 21.50 -13.56 0.15
C ARG C 299 22.74 -12.92 -0.50
N PRO C 300 23.89 -13.50 -0.17
CA PRO C 300 25.14 -13.00 -0.71
C PRO C 300 25.16 -13.20 -2.22
N LEU C 301 25.77 -12.21 -2.87
CA LEU C 301 25.90 -12.24 -4.28
C LEU C 301 27.15 -13.03 -4.67
N GLY C 302 27.12 -13.62 -5.85
CA GLY C 302 28.20 -14.42 -6.38
C GLY C 302 28.46 -13.93 -7.78
N VAL C 303 29.74 -13.84 -8.09
CA VAL C 303 30.22 -13.37 -9.36
C VAL C 303 29.63 -13.86 -10.69
N THR C 304 29.18 -15.11 -10.77
CA THR C 304 28.59 -15.71 -11.98
C THR C 304 27.38 -14.95 -12.53
N GLY C 305 27.21 -13.76 -12.00
CA GLY C 305 26.18 -12.85 -12.33
C GLY C 305 25.27 -12.72 -11.14
N VAL C 306 24.85 -13.88 -10.62
CA VAL C 306 23.96 -13.96 -9.47
C VAL C 306 24.38 -15.06 -8.53
N ALA C 307 23.57 -15.26 -7.50
CA ALA C 307 23.78 -16.28 -6.49
C ALA C 307 22.72 -16.25 -5.37
N GLY C 308 22.67 -17.35 -4.59
CA GLY C 308 21.72 -17.53 -3.47
C GLY C 308 22.40 -18.02 -2.17
N GLU C 309 21.60 -18.46 -1.19
CA GLU C 309 22.12 -18.94 0.12
C GLU C 309 21.86 -18.03 1.30
N PRO C 310 20.53 -17.86 1.55
CA PRO C 310 19.88 -17.06 2.58
C PRO C 310 20.53 -16.95 3.92
N LEU C 311 21.13 -15.80 4.13
CA LEU C 311 21.80 -15.50 5.33
C LEU C 311 20.85 -15.44 6.49
N PRO C 312 21.39 -15.91 7.66
CA PRO C 312 20.78 -15.98 8.99
C PRO C 312 20.79 -14.65 9.69
N VAL C 313 19.56 -14.14 9.92
CA VAL C 313 19.19 -12.87 10.57
C VAL C 313 18.48 -12.97 11.95
N ASP C 314 19.00 -12.34 13.01
CA ASP C 314 18.34 -12.37 14.33
C ASP C 314 17.66 -11.10 14.79
N SER C 315 17.95 -10.03 14.06
CA SER C 315 17.39 -8.74 14.31
C SER C 315 17.78 -7.77 13.26
N GLU C 316 16.97 -6.69 13.16
CA GLU C 316 17.14 -5.59 12.19
C GLU C 316 18.60 -5.19 12.02
N LYS C 317 19.39 -5.52 13.04
CA LYS C 317 20.82 -5.27 13.13
C LYS C 317 21.55 -6.05 12.04
N ASP C 318 21.63 -7.37 12.25
CA ASP C 318 22.27 -8.33 11.37
C ASP C 318 22.22 -7.99 9.90
N ILE C 319 21.07 -7.53 9.49
CA ILE C 319 20.88 -7.14 8.12
C ILE C 319 21.80 -5.95 7.85
N PHE C 320 21.73 -4.91 8.72
CA PHE C 320 22.57 -3.74 8.57
C PHE C 320 24.00 -4.21 8.50
N ASP C 321 24.42 -4.91 9.59
CA ASP C 321 25.77 -5.48 9.74
C ASP C 321 26.27 -6.10 8.46
N TYR C 322 25.41 -6.95 7.91
CA TYR C 322 25.72 -7.64 6.70
C TYR C 322 26.19 -6.66 5.66
N ILE C 323 25.28 -5.77 5.25
CA ILE C 323 25.60 -4.78 4.28
C ILE C 323 26.52 -3.74 4.86
N GLN C 324 26.88 -3.98 6.11
CA GLN C 324 27.77 -3.12 6.85
C GLN C 324 27.41 -1.67 6.79
N TRP C 325 26.26 -1.36 7.32
CA TRP C 325 25.74 -0.04 7.36
C TRP C 325 25.68 0.43 8.79
N LYS C 326 25.06 1.58 8.95
CA LYS C 326 24.86 2.21 10.24
C LYS C 326 23.45 1.86 10.68
N TYR C 327 23.24 1.32 11.89
CA TYR C 327 21.88 1.03 12.26
C TYR C 327 21.10 2.33 12.27
N ARG C 328 20.04 2.34 11.50
CA ARG C 328 19.22 3.51 11.43
C ARG C 328 17.93 3.22 12.08
N GLU C 329 17.69 4.00 13.10
CA GLU C 329 16.49 3.89 13.85
C GLU C 329 15.36 4.03 12.88
N PRO C 330 14.25 3.40 13.24
CA PRO C 330 13.11 3.45 12.41
C PRO C 330 12.76 4.89 12.10
N LYS C 331 12.81 5.72 13.17
CA LYS C 331 12.52 7.13 13.09
C LYS C 331 13.16 7.75 11.87
N ASP C 332 14.42 7.43 11.65
CA ASP C 332 15.14 7.98 10.51
C ASP C 332 15.36 7.01 9.34
N ARG C 333 14.28 6.32 8.98
CA ARG C 333 14.28 5.38 7.89
C ARG C 333 13.58 6.05 6.75
N SER C 334 13.47 7.35 6.88
CA SER C 334 12.80 8.19 5.91
C SER C 334 13.22 8.20 4.44
N GLU C 335 14.46 7.84 4.18
CA GLU C 335 14.98 7.79 2.83
C GLU C 335 16.39 7.32 2.88
ZN ZN D . -0.43 0.43 6.51
ZN ZN E . -2.03 -2.28 5.98
NA NA F . -12.02 0.73 -3.36
NA NA G . 10.64 9.02 -29.65
ZN ZN H . 18.31 22.29 -20.31
PG DTP I . 0.52 3.83 6.66
O1G DTP I . 1.29 3.03 7.61
O2G DTP I . 0.01 5.13 7.12
O3G DTP I . -0.67 3.00 6.04
PB DTP I . 2.71 3.16 4.88
O1B DTP I . 3.82 4.11 4.66
O2B DTP I . 2.94 2.06 5.87
O3B DTP I . 1.42 3.97 5.32
O3A DTP I . 2.28 2.52 3.44
#